data_5FC7
#
_entry.id   5FC7
#
_cell.length_a   87.385
_cell.length_b   87.385
_cell.length_c   79.843
_cell.angle_alpha   90.00
_cell.angle_beta   90.00
_cell.angle_gamma   90.00
#
_symmetry.space_group_name_H-M   'P 41'
#
loop_
_entity.id
_entity.type
_entity.pdbx_description
1 polymer 'Acid sphingomyelinase-like phosphodiesterase 3a'
2 branched 2-acetamido-2-deoxy-beta-D-glucopyranose-(1-4)-2-acetamido-2-deoxy-beta-D-glucopyranose
3 branched 2-acetamido-2-deoxy-beta-D-glucopyranose-(1-4)-[alpha-L-fucopyranose-(1-6)]2-acetamido-2-deoxy-beta-D-glucopyranose
4 non-polymer 'ZINC ION'
5 non-polymer 2-acetamido-2-deoxy-beta-D-glucopyranose
6 non-polymer 'SULFATE ION'
7 non-polymer GLYCEROL
8 water water
#
_entity_poly.entity_id   1
_entity_poly.type   'polypeptide(L)'
_entity_poly.pdbx_seq_one_letter_code
;DRHHHHHHKLVPLAPADRAPAVGQFWHVTDLHLDPTYHITDDRTKVCASSKGANASNPGPFGDVLCDSPYQLILSAFDFI
KNSGQEASFMIWTGDSPPHVPVPELSTGTVIKVITNMTMTVQNLFPNLQVFPALGNHDYWPQDQLPIVTSKVYSAVADLW
KPWLGEEAISTLKKGGFYSQKVASNPGLRIISLNTNLYYGPNIMTLNKTDPANQFEWLENTLNSSLWNKEKVYIIAHVPV
GYLPYATDTPAIRQYYNEKLLDIFRRYSSVIAGQFYGHTHRDSLMVLSDKNGNPLNSVFVAPAVTPVKGVLQKETNNPGV
RLFQYKPGDYTLLDMVQYYLNLTEANLKGESNWTLEYVLTQAYSVADLQPKSLYALVQQFATKDSKQFLKYYHYYFVSYD
SSATCDQHCKTLQVCAIMNLDSMSYDDCLKQHL
;
_entity_poly.pdbx_strand_id   A
#
loop_
_chem_comp.id
_chem_comp.type
_chem_comp.name
_chem_comp.formula
FUC L-saccharide, alpha linking alpha-L-fucopyranose 'C6 H12 O5'
GOL non-polymer GLYCEROL 'C3 H8 O3'
NAG D-saccharide, beta linking 2-acetamido-2-deoxy-beta-D-glucopyranose 'C8 H15 N O6'
SO4 non-polymer 'SULFATE ION' 'O4 S -2'
ZN non-polymer 'ZINC ION' 'Zn 2'
#
# COMPACT_ATOMS: atom_id res chain seq x y z
N HIS A 8 -42.44 -6.93 21.02
CA HIS A 8 -41.55 -5.84 21.40
C HIS A 8 -41.53 -4.73 20.35
N LYS A 9 -41.63 -3.49 20.81
CA LYS A 9 -41.77 -2.35 19.92
C LYS A 9 -40.43 -1.60 19.79
N LEU A 10 -40.23 -1.00 18.62
CA LEU A 10 -39.08 -0.13 18.35
C LEU A 10 -37.74 -0.82 18.62
N VAL A 11 -37.64 -2.06 18.16
CA VAL A 11 -36.38 -2.81 18.16
C VAL A 11 -35.71 -2.70 16.79
N PRO A 12 -34.39 -2.53 16.72
CA PRO A 12 -33.72 -2.54 15.40
C PRO A 12 -34.16 -3.73 14.55
N LEU A 13 -34.35 -3.48 13.26
CA LEU A 13 -34.87 -4.49 12.35
C LEU A 13 -33.77 -5.49 11.99
N ALA A 14 -34.06 -6.78 12.15
CA ALA A 14 -33.10 -7.83 11.86
C ALA A 14 -33.05 -8.13 10.37
N PRO A 15 -31.92 -8.63 9.87
CA PRO A 15 -31.79 -8.87 8.43
C PRO A 15 -32.68 -10.02 7.97
N ALA A 16 -32.94 -10.03 6.66
CA ALA A 16 -33.80 -11.05 6.05
C ALA A 16 -33.08 -12.38 5.92
N PRO A 20 -25.25 -13.31 6.71
CA PRO A 20 -24.05 -13.70 5.99
C PRO A 20 -23.35 -12.50 5.36
N ALA A 21 -23.70 -11.30 5.81
CA ALA A 21 -23.20 -10.08 5.20
C ALA A 21 -21.67 -10.02 5.23
N VAL A 22 -21.08 -9.39 4.22
CA VAL A 22 -19.64 -9.19 4.12
C VAL A 22 -19.37 -7.71 3.87
N GLY A 23 -18.48 -7.14 4.64
CA GLY A 23 -18.05 -5.79 4.40
C GLY A 23 -16.89 -5.76 3.40
N GLN A 24 -16.73 -4.63 2.72
CA GLN A 24 -15.64 -4.50 1.78
C GLN A 24 -15.05 -3.09 1.81
N PHE A 25 -13.76 -2.99 1.48
CA PHE A 25 -13.14 -1.69 1.29
C PHE A 25 -12.08 -1.79 0.19
N TRP A 26 -11.85 -0.67 -0.49
CA TRP A 26 -10.81 -0.59 -1.52
C TRP A 26 -9.50 -0.09 -0.94
N HIS A 27 -8.40 -0.51 -1.55
CA HIS A 27 -7.05 -0.01 -1.31
C HIS A 27 -6.42 0.37 -2.64
N VAL A 28 -6.07 1.64 -2.77
CA VAL A 28 -5.37 2.19 -3.92
C VAL A 28 -4.11 2.83 -3.39
N THR A 29 -3.06 2.82 -4.21
CA THR A 29 -1.76 3.34 -3.79
C THR A 29 -0.89 3.70 -4.97
N ASP A 30 0.03 4.62 -4.72
CA ASP A 30 1.12 4.94 -5.64
C ASP A 30 0.58 5.28 -7.03
N LEU A 31 -0.29 6.31 -7.05
CA LEU A 31 -0.90 6.78 -8.28
C LEU A 31 0.12 7.44 -9.21
N HIS A 32 1.03 8.22 -8.63
CA HIS A 32 2.11 8.88 -9.36
C HIS A 32 1.64 9.46 -10.69
N LEU A 33 0.74 10.44 -10.59
CA LEU A 33 0.30 11.16 -11.78
C LEU A 33 1.46 11.90 -12.42
N ASP A 34 1.62 11.75 -13.75
CA ASP A 34 2.53 12.58 -14.52
C ASP A 34 1.72 13.47 -15.45
N PRO A 35 1.46 14.72 -15.04
CA PRO A 35 0.69 15.64 -15.87
C PRO A 35 1.32 15.97 -17.20
N THR A 36 2.57 15.58 -17.42
CA THR A 36 3.23 15.87 -18.70
C THR A 36 2.94 14.83 -19.76
N TYR A 37 2.29 13.73 -19.40
CA TYR A 37 2.17 12.60 -20.31
C TYR A 37 1.37 12.95 -21.55
N HIS A 38 1.95 12.70 -22.72
CA HIS A 38 1.19 12.80 -23.95
C HIS A 38 1.87 11.99 -25.03
N ILE A 39 1.05 11.41 -25.91
CA ILE A 39 1.61 10.69 -27.05
C ILE A 39 2.18 11.68 -28.03
N THR A 40 3.45 11.49 -28.38
CA THR A 40 4.14 12.37 -29.29
C THR A 40 5.12 11.53 -30.10
N ASP A 41 5.46 12.04 -31.29
CA ASP A 41 6.35 11.31 -32.18
C ASP A 41 7.73 11.12 -31.56
N ASP A 42 8.27 12.17 -30.94
CA ASP A 42 9.56 12.08 -30.27
C ASP A 42 9.34 11.45 -28.90
N ARG A 43 9.74 10.19 -28.76
CA ARG A 43 9.39 9.44 -27.55
C ARG A 43 10.19 9.88 -26.34
N THR A 44 11.19 10.74 -26.51
CA THR A 44 11.82 11.37 -25.35
C THR A 44 11.01 12.52 -24.80
N LYS A 45 9.89 12.88 -25.44
CA LYS A 45 9.01 13.94 -24.99
C LYS A 45 7.64 13.43 -24.55
N VAL A 46 7.45 12.12 -24.50
CA VAL A 46 6.16 11.57 -24.06
C VAL A 46 5.91 11.91 -22.59
N CYS A 47 6.93 11.82 -21.74
CA CYS A 47 6.74 11.99 -20.31
C CYS A 47 8.04 12.47 -19.66
N ALA A 48 7.92 13.48 -18.81
CA ALA A 48 9.10 13.94 -18.08
C ALA A 48 9.62 12.87 -17.12
N SER A 49 8.76 11.96 -16.68
CA SER A 49 9.17 10.90 -15.77
C SER A 49 10.08 9.88 -16.42
N SER A 50 10.27 9.88 -17.75
CA SER A 50 11.30 9.04 -18.35
C SER A 50 12.67 9.68 -18.37
N LYS A 51 12.77 10.94 -17.94
CA LYS A 51 14.06 11.64 -17.79
C LYS A 51 14.90 11.60 -19.07
N GLY A 52 14.23 11.67 -20.22
CA GLY A 52 14.90 11.74 -21.50
C GLY A 52 15.09 10.43 -22.21
N ALA A 53 14.77 9.30 -21.58
CA ALA A 53 14.76 8.05 -22.32
C ALA A 53 13.56 8.04 -23.25
N ASN A 54 13.69 7.37 -24.39
CA ASN A 54 12.54 7.09 -25.23
C ASN A 54 11.60 6.18 -24.45
N ALA A 55 10.33 6.61 -24.31
CA ALA A 55 9.30 5.67 -23.89
C ALA A 55 9.36 4.44 -24.80
N SER A 56 9.14 3.27 -24.19
CA SER A 56 9.38 2.01 -24.87
CA SER A 56 9.38 2.01 -24.87
C SER A 56 8.31 1.72 -25.92
N ASN A 57 7.04 1.79 -25.54
CA ASN A 57 5.94 1.49 -26.44
C ASN A 57 4.72 2.22 -25.90
N PRO A 58 4.71 3.53 -25.95
CA PRO A 58 3.71 4.30 -25.20
C PRO A 58 2.36 4.27 -25.87
N GLY A 59 1.34 4.38 -25.03
CA GLY A 59 -0.01 4.47 -25.49
C GLY A 59 -0.79 5.39 -24.55
N PRO A 60 -2.11 5.43 -24.75
CA PRO A 60 -2.94 6.35 -23.94
C PRO A 60 -2.95 6.06 -22.46
N PHE A 61 -2.69 4.82 -22.05
CA PHE A 61 -2.74 4.45 -20.65
C PHE A 61 -1.37 4.44 -19.99
N GLY A 62 -0.31 4.74 -20.75
CA GLY A 62 1.00 4.93 -20.17
C GLY A 62 2.08 4.14 -20.93
N ASP A 63 3.22 4.00 -20.26
CA ASP A 63 4.40 3.34 -20.77
C ASP A 63 5.19 2.84 -19.59
N VAL A 64 5.92 1.75 -19.76
CA VAL A 64 6.67 1.22 -18.61
C VAL A 64 7.76 2.18 -18.15
N LEU A 65 8.20 3.12 -18.99
CA LEU A 65 9.23 4.07 -18.58
C LEU A 65 8.65 5.39 -18.07
N CYS A 66 7.34 5.48 -17.92
CA CYS A 66 6.65 6.69 -17.51
C CYS A 66 5.78 6.41 -16.29
N ASP A 67 5.52 7.48 -15.54
CA ASP A 67 4.47 7.47 -14.55
C ASP A 67 3.10 7.62 -15.20
N SER A 68 2.05 7.69 -14.39
CA SER A 68 0.70 7.44 -14.83
C SER A 68 0.15 8.63 -15.58
N PRO A 69 -0.37 8.44 -16.78
CA PRO A 69 -1.20 9.50 -17.35
C PRO A 69 -2.47 9.64 -16.54
N TYR A 70 -3.02 10.86 -16.55
CA TYR A 70 -4.32 11.05 -15.93
C TYR A 70 -5.35 10.03 -16.45
N GLN A 71 -5.33 9.72 -17.76
CA GLN A 71 -6.27 8.75 -18.34
C GLN A 71 -6.18 7.39 -17.64
N LEU A 72 -4.95 6.96 -17.26
CA LEU A 72 -4.83 5.70 -16.52
C LEU A 72 -5.46 5.80 -15.14
N ILE A 73 -5.12 6.84 -14.38
CA ILE A 73 -5.68 6.98 -13.04
C ILE A 73 -7.21 7.06 -13.09
N LEU A 74 -7.75 7.85 -14.01
CA LEU A 74 -9.20 7.96 -14.10
C LEU A 74 -9.81 6.61 -14.43
N SER A 75 -9.16 5.84 -15.30
CA SER A 75 -9.71 4.52 -15.65
C SER A 75 -9.77 3.61 -14.44
N ALA A 76 -8.82 3.74 -13.51
CA ALA A 76 -8.84 2.91 -12.31
C ALA A 76 -9.99 3.28 -11.42
N PHE A 77 -10.19 4.58 -11.20
CA PHE A 77 -11.28 5.00 -10.35
C PHE A 77 -12.64 4.81 -11.01
N ASP A 78 -12.73 4.99 -12.34
CA ASP A 78 -13.99 4.69 -13.03
C ASP A 78 -14.30 3.19 -12.93
N PHE A 79 -13.26 2.36 -13.00
CA PHE A 79 -13.48 0.93 -12.82
C PHE A 79 -14.09 0.67 -11.44
N ILE A 80 -13.48 1.21 -10.40
CA ILE A 80 -13.99 1.04 -9.03
C ILE A 80 -15.45 1.50 -8.96
N LYS A 81 -15.73 2.68 -9.50
CA LYS A 81 -17.07 3.26 -9.42
C LYS A 81 -18.10 2.35 -10.08
N ASN A 82 -17.73 1.73 -11.19
CA ASN A 82 -18.68 0.98 -11.99
C ASN A 82 -18.64 -0.52 -11.75
N SER A 83 -17.84 -0.97 -10.78
CA SER A 83 -17.52 -2.37 -10.59
C SER A 83 -18.67 -3.21 -10.05
N GLY A 84 -19.73 -2.60 -9.54
CA GLY A 84 -20.75 -3.40 -8.86
C GLY A 84 -20.33 -3.91 -7.50
N GLN A 85 -19.14 -3.60 -7.04
CA GLN A 85 -18.75 -3.96 -5.69
C GLN A 85 -19.25 -2.87 -4.76
N GLU A 86 -19.90 -3.26 -3.67
CA GLU A 86 -20.22 -2.29 -2.65
C GLU A 86 -19.00 -2.20 -1.77
N ALA A 87 -18.67 -0.99 -1.34
CA ALA A 87 -17.56 -0.81 -0.43
C ALA A 87 -17.95 0.30 0.54
N SER A 88 -17.59 0.14 1.81
CA SER A 88 -18.00 1.16 2.77
C SER A 88 -16.93 2.20 3.04
N PHE A 89 -15.71 2.00 2.57
CA PHE A 89 -14.64 2.99 2.68
C PHE A 89 -13.51 2.58 1.73
N MET A 90 -12.53 3.45 1.64
CA MET A 90 -11.34 3.25 0.83
C MET A 90 -10.11 3.74 1.60
N ILE A 91 -9.00 3.02 1.48
CA ILE A 91 -7.70 3.47 1.99
C ILE A 91 -6.80 3.82 0.81
N TRP A 92 -5.98 4.84 0.98
CA TRP A 92 -5.23 5.40 -0.12
C TRP A 92 -3.84 5.72 0.41
N THR A 93 -2.84 4.88 0.09
CA THR A 93 -1.57 4.95 0.84
C THR A 93 -0.45 5.72 0.16
N GLY A 94 -0.77 6.81 -0.52
CA GLY A 94 0.22 7.85 -0.82
C GLY A 94 0.92 7.74 -2.17
N ASP A 95 1.81 8.71 -2.38
CA ASP A 95 2.71 8.82 -3.55
C ASP A 95 2.00 9.30 -4.80
N SER A 96 1.63 10.56 -4.79
CA SER A 96 0.86 11.12 -5.89
C SER A 96 1.67 11.84 -6.97
N PRO A 97 2.69 12.62 -6.64
CA PRO A 97 3.48 13.27 -7.71
C PRO A 97 4.38 12.28 -8.43
N PRO A 98 4.87 12.63 -9.62
CA PRO A 98 5.67 11.70 -10.43
C PRO A 98 7.13 11.70 -10.04
N HIS A 99 7.84 10.71 -10.58
CA HIS A 99 9.29 10.55 -10.38
C HIS A 99 9.96 11.44 -11.41
N VAL A 100 10.09 12.71 -11.04
CA VAL A 100 10.97 13.63 -11.77
C VAL A 100 11.95 14.24 -10.76
N PRO A 101 13.05 14.82 -11.25
CA PRO A 101 14.05 15.36 -10.33
C PRO A 101 13.48 16.48 -9.47
N VAL A 102 14.08 16.62 -8.29
CA VAL A 102 13.64 17.64 -7.33
C VAL A 102 13.43 19.01 -7.95
N PRO A 103 14.36 19.56 -8.74
CA PRO A 103 14.17 20.91 -9.28
C PRO A 103 13.03 21.04 -10.27
N GLU A 104 12.45 19.94 -10.73
CA GLU A 104 11.31 20.01 -11.62
C GLU A 104 9.98 20.02 -10.86
N LEU A 105 10.03 20.04 -9.54
CA LEU A 105 8.86 20.12 -8.71
C LEU A 105 9.05 21.30 -7.75
N SER A 106 8.07 21.47 -6.88
CA SER A 106 8.07 22.49 -5.85
C SER A 106 7.02 22.11 -4.84
N THR A 107 7.04 22.79 -3.68
CA THR A 107 5.97 22.60 -2.69
C THR A 107 4.59 22.82 -3.31
N GLY A 108 4.44 23.89 -4.09
CA GLY A 108 3.16 24.18 -4.71
C GLY A 108 2.76 23.14 -5.72
N THR A 109 3.72 22.64 -6.50
CA THR A 109 3.42 21.61 -7.49
C THR A 109 3.00 20.31 -6.82
N VAL A 110 3.69 19.92 -5.75
CA VAL A 110 3.29 18.73 -5.00
C VAL A 110 1.86 18.89 -4.49
N ILE A 111 1.56 20.04 -3.89
CA ILE A 111 0.21 20.28 -3.39
C ILE A 111 -0.81 20.25 -4.53
N LYS A 112 -0.47 20.82 -5.67
CA LYS A 112 -1.37 20.78 -6.82
C LYS A 112 -1.69 19.35 -7.24
N VAL A 113 -0.69 18.46 -7.28
CA VAL A 113 -0.97 17.10 -7.71
C VAL A 113 -1.83 16.37 -6.67
N ILE A 114 -1.49 16.50 -5.39
CA ILE A 114 -2.26 15.80 -4.37
C ILE A 114 -3.69 16.32 -4.36
N THR A 115 -3.86 17.63 -4.59
CA THR A 115 -5.20 18.22 -4.71
C THR A 115 -5.96 17.59 -5.87
N ASN A 116 -5.31 17.46 -7.04
CA ASN A 116 -5.97 16.86 -8.19
C ASN A 116 -6.45 15.45 -7.86
N MET A 117 -5.57 14.62 -7.31
CA MET A 117 -5.99 13.24 -6.96
C MET A 117 -7.09 13.25 -5.90
N THR A 118 -6.97 14.09 -4.88
CA THR A 118 -7.97 14.12 -3.83
C THR A 118 -9.34 14.51 -4.40
N MET A 119 -9.36 15.56 -5.23
CA MET A 119 -10.62 16.01 -5.80
C MET A 119 -11.18 15.04 -6.83
N THR A 120 -10.32 14.34 -7.57
CA THR A 120 -10.80 13.27 -8.44
C THR A 120 -11.60 12.25 -7.63
N VAL A 121 -11.05 11.82 -6.50
CA VAL A 121 -11.74 10.87 -5.64
C VAL A 121 -13.01 11.49 -5.07
N GLN A 122 -12.93 12.70 -4.52
CA GLN A 122 -14.10 13.30 -3.89
C GLN A 122 -15.21 13.57 -4.90
N ASN A 123 -14.86 13.95 -6.13
CA ASN A 123 -15.88 14.18 -7.13
C ASN A 123 -16.57 12.88 -7.56
N LEU A 124 -15.81 11.78 -7.70
CA LEU A 124 -16.38 10.52 -8.18
C LEU A 124 -17.08 9.72 -7.08
N PHE A 125 -16.64 9.88 -5.83
CA PHE A 125 -17.14 9.10 -4.68
C PHE A 125 -17.55 10.05 -3.57
N PRO A 126 -18.55 10.91 -3.81
CA PRO A 126 -18.87 11.95 -2.83
C PRO A 126 -19.29 11.44 -1.47
N ASN A 127 -19.84 10.24 -1.39
CA ASN A 127 -20.37 9.67 -0.16
C ASN A 127 -19.43 8.68 0.52
N LEU A 128 -18.23 8.43 -0.01
CA LEU A 128 -17.33 7.40 0.48
C LEU A 128 -16.24 8.03 1.36
N GLN A 129 -16.13 7.58 2.59
CA GLN A 129 -15.04 8.00 3.44
C GLN A 129 -13.74 7.35 2.96
N VAL A 130 -12.72 8.16 2.81
CA VAL A 130 -11.41 7.72 2.35
C VAL A 130 -10.37 8.07 3.40
N PHE A 131 -9.44 7.13 3.64
CA PHE A 131 -8.38 7.32 4.62
C PHE A 131 -7.05 7.40 3.90
N PRO A 132 -6.50 8.59 3.70
CA PRO A 132 -5.21 8.71 3.02
C PRO A 132 -4.05 8.59 4.00
N ALA A 133 -2.93 8.19 3.47
CA ALA A 133 -1.65 8.33 4.13
C ALA A 133 -0.71 9.02 3.17
N LEU A 134 0.25 9.73 3.73
CA LEU A 134 1.24 10.42 2.93
C LEU A 134 2.33 9.47 2.47
N GLY A 135 2.78 9.66 1.25
CA GLY A 135 3.92 8.92 0.72
C GLY A 135 5.18 9.77 0.68
N ASN A 136 6.33 9.13 0.39
CA ASN A 136 7.59 9.86 0.43
C ASN A 136 7.68 10.89 -0.69
N HIS A 137 6.95 10.71 -1.81
CA HIS A 137 6.91 11.72 -2.85
C HIS A 137 5.89 12.81 -2.57
N ASP A 138 5.12 12.69 -1.50
CA ASP A 138 4.08 13.67 -1.16
C ASP A 138 4.66 14.81 -0.33
N TYR A 139 5.80 15.33 -0.76
CA TYR A 139 6.54 16.36 -0.04
C TYR A 139 7.54 16.92 -1.02
N TRP A 140 7.89 18.20 -0.83
CA TRP A 140 8.97 18.80 -1.60
C TRP A 140 10.05 19.36 -0.67
N PRO A 141 11.30 18.94 -0.88
CA PRO A 141 11.79 17.89 -1.77
C PRO A 141 11.34 16.52 -1.30
N GLN A 142 11.29 15.58 -2.25
CA GLN A 142 10.84 14.25 -1.92
C GLN A 142 11.66 13.67 -0.78
N ASP A 143 11.00 12.87 0.03
CA ASP A 143 11.56 12.09 1.12
C ASP A 143 11.84 12.91 2.38
N GLN A 144 11.82 14.24 2.31
CA GLN A 144 12.29 15.06 3.43
C GLN A 144 11.13 15.50 4.31
N LEU A 145 10.30 14.55 4.72
CA LEU A 145 9.09 14.89 5.45
C LEU A 145 9.49 15.28 6.87
N PRO A 146 9.02 16.41 7.39
CA PRO A 146 9.56 16.95 8.64
C PRO A 146 8.83 16.45 9.89
N ILE A 147 9.42 16.76 11.05
CA ILE A 147 8.90 16.33 12.35
C ILE A 147 8.07 17.41 13.03
N VAL A 148 7.81 18.51 12.33
CA VAL A 148 6.96 19.60 12.80
C VAL A 148 6.04 20.00 11.65
N THR A 149 5.13 20.93 11.95
CA THR A 149 4.16 21.30 10.94
C THR A 149 4.82 21.90 9.69
N SER A 150 4.10 21.85 8.58
CA SER A 150 4.62 22.29 7.30
C SER A 150 3.46 22.67 6.39
N LYS A 151 3.79 23.39 5.32
CA LYS A 151 2.80 23.73 4.30
C LYS A 151 2.08 22.51 3.75
N VAL A 152 2.83 21.43 3.43
CA VAL A 152 2.18 20.23 2.91
C VAL A 152 1.25 19.62 3.94
N TYR A 153 1.70 19.48 5.20
CA TYR A 153 0.85 18.86 6.21
C TYR A 153 -0.43 19.67 6.38
N SER A 154 -0.30 20.99 6.39
CA SER A 154 -1.48 21.85 6.50
C SER A 154 -2.40 21.72 5.29
N ALA A 155 -1.82 21.64 4.10
CA ALA A 155 -2.62 21.57 2.87
C ALA A 155 -3.40 20.25 2.81
N VAL A 156 -2.75 19.13 3.15
CA VAL A 156 -3.48 17.87 3.11
C VAL A 156 -4.50 17.79 4.24
N ALA A 157 -4.24 18.46 5.37
CA ALA A 157 -5.27 18.54 6.40
C ALA A 157 -6.51 19.24 5.87
N ASP A 158 -6.33 20.33 5.12
CA ASP A 158 -7.48 20.98 4.51
C ASP A 158 -8.14 20.09 3.46
N LEU A 159 -7.36 19.44 2.61
CA LEU A 159 -7.93 18.63 1.55
C LEU A 159 -8.71 17.45 2.10
N TRP A 160 -8.24 16.84 3.18
CA TRP A 160 -8.81 15.59 3.66
C TRP A 160 -9.82 15.79 4.78
N LYS A 161 -10.12 17.05 5.12
CA LYS A 161 -11.08 17.39 6.16
C LYS A 161 -12.45 16.75 5.96
N PRO A 162 -12.93 16.50 4.72
CA PRO A 162 -14.24 15.83 4.61
C PRO A 162 -14.29 14.48 5.25
N TRP A 163 -13.14 13.84 5.41
CA TRP A 163 -13.05 12.47 5.87
C TRP A 163 -12.60 12.35 7.32
N LEU A 164 -12.13 13.44 7.91
CA LEU A 164 -11.39 13.40 9.17
C LEU A 164 -12.00 14.38 10.18
N GLY A 165 -12.06 13.93 11.44
CA GLY A 165 -12.50 14.75 12.54
C GLY A 165 -11.42 15.68 13.05
N GLU A 166 -11.79 16.47 14.07
CA GLU A 166 -10.93 17.51 14.60
C GLU A 166 -9.60 16.97 15.10
N GLU A 167 -9.64 15.89 15.89
CA GLU A 167 -8.41 15.36 16.44
C GLU A 167 -7.48 14.87 15.35
N ALA A 168 -8.03 14.20 14.34
CA ALA A 168 -7.22 13.71 13.22
C ALA A 168 -6.60 14.86 12.46
N ILE A 169 -7.37 15.93 12.24
CA ILE A 169 -6.83 17.06 11.51
C ILE A 169 -5.67 17.66 12.28
N SER A 170 -5.81 17.70 13.61
CA SER A 170 -4.78 18.30 14.46
C SER A 170 -3.45 17.55 14.34
N THR A 171 -3.48 16.21 14.45
CA THR A 171 -2.24 15.45 14.36
C THR A 171 -1.70 15.41 12.95
N LEU A 172 -2.57 15.38 11.94
CA LEU A 172 -2.12 15.40 10.56
C LEU A 172 -1.36 16.68 10.25
N LYS A 173 -1.91 17.82 10.67
CA LYS A 173 -1.25 19.11 10.47
C LYS A 173 0.11 19.15 11.15
N LYS A 174 0.27 18.49 12.29
CA LYS A 174 1.49 18.58 13.09
C LYS A 174 2.56 17.60 12.62
N GLY A 175 2.18 16.38 12.24
CA GLY A 175 3.16 15.35 11.97
C GLY A 175 2.88 14.42 10.81
N GLY A 176 1.76 14.61 10.10
CA GLY A 176 1.47 13.80 8.92
C GLY A 176 0.82 12.48 9.21
N PHE A 177 0.28 12.28 10.43
CA PHE A 177 -0.35 11.04 10.84
C PHE A 177 -1.62 11.34 11.60
N TYR A 178 -2.49 10.33 11.71
CA TYR A 178 -3.75 10.52 12.43
C TYR A 178 -4.40 9.15 12.63
N SER A 179 -5.41 9.12 13.50
CA SER A 179 -6.33 8.00 13.55
C SER A 179 -7.74 8.56 13.40
N GLN A 180 -8.65 7.72 12.88
CA GLN A 180 -10.00 8.17 12.59
C GLN A 180 -10.96 7.00 12.67
N LYS A 181 -12.09 7.20 13.37
CA LYS A 181 -13.18 6.22 13.36
C LYS A 181 -13.75 6.10 11.95
N VAL A 182 -14.14 4.88 11.59
CA VAL A 182 -14.78 4.61 10.31
C VAL A 182 -16.29 4.82 10.50
N ALA A 183 -16.84 5.87 9.89
CA ALA A 183 -18.22 6.26 10.14
C ALA A 183 -19.19 5.11 9.87
N SER A 184 -18.98 4.40 8.78
CA SER A 184 -19.85 3.33 8.33
C SER A 184 -19.62 2.01 9.05
N ASN A 185 -18.65 1.95 9.96
CA ASN A 185 -18.23 0.70 10.60
C ASN A 185 -17.97 0.95 12.07
N PRO A 186 -19.03 1.07 12.88
CA PRO A 186 -18.84 1.27 14.31
C PRO A 186 -17.93 0.20 14.88
N GLY A 187 -16.97 0.63 15.69
CA GLY A 187 -16.01 -0.27 16.29
C GLY A 187 -14.71 -0.49 15.54
N LEU A 188 -14.50 0.19 14.41
CA LEU A 188 -13.29 0.10 13.59
C LEU A 188 -12.66 1.47 13.55
N ARG A 189 -11.35 1.51 13.80
CA ARG A 189 -10.54 2.71 13.67
C ARG A 189 -9.39 2.46 12.69
N ILE A 190 -9.13 3.45 11.85
CA ILE A 190 -7.96 3.46 10.97
C ILE A 190 -6.86 4.27 11.64
N ILE A 191 -5.66 3.71 11.71
CA ILE A 191 -4.45 4.44 12.08
C ILE A 191 -3.62 4.62 10.84
N SER A 192 -3.41 5.88 10.46
CA SER A 192 -2.65 6.25 9.27
C SER A 192 -1.32 6.81 9.75
N LEU A 193 -0.28 5.97 9.69
CA LEU A 193 1.06 6.39 10.09
C LEU A 193 1.78 7.11 8.96
N ASN A 194 2.70 7.98 9.34
CA ASN A 194 3.68 8.57 8.44
C ASN A 194 4.97 7.78 8.60
N THR A 195 5.11 6.67 7.84
CA THR A 195 6.34 5.88 7.95
C THR A 195 7.48 6.49 7.15
N ASN A 196 7.21 7.59 6.45
CA ASN A 196 8.28 8.30 5.75
C ASN A 196 9.21 8.98 6.74
N LEU A 197 8.76 9.16 7.99
CA LEU A 197 9.66 9.65 9.03
C LEU A 197 10.78 8.66 9.33
N TYR A 198 10.61 7.40 8.94
CA TYR A 198 11.57 6.34 9.23
C TYR A 198 12.33 5.87 7.99
N TYR A 199 12.06 6.45 6.83
CA TYR A 199 12.61 6.02 5.57
C TYR A 199 14.03 6.55 5.43
N GLY A 200 14.91 5.67 5.00
CA GLY A 200 16.34 5.94 4.94
C GLY A 200 16.72 7.29 4.32
N PRO A 201 16.17 7.60 3.16
CA PRO A 201 16.53 8.86 2.51
C PRO A 201 16.07 10.11 3.24
N ASN A 202 15.27 10.02 4.31
CA ASN A 202 14.81 11.21 5.01
C ASN A 202 15.91 11.76 5.88
N ILE A 203 16.54 12.88 5.47
CA ILE A 203 17.64 13.45 6.24
C ILE A 203 17.17 14.40 7.33
N MET A 204 15.87 14.58 7.47
CA MET A 204 15.30 15.43 8.51
C MET A 204 15.09 14.69 9.82
N THR A 205 15.19 13.35 9.85
CA THR A 205 14.90 12.52 11.02
C THR A 205 16.08 11.67 11.47
N LEU A 206 17.28 11.91 10.94
CA LEU A 206 18.41 11.05 11.29
C LEU A 206 18.68 11.10 12.78
N ASN A 207 18.76 9.92 13.40
CA ASN A 207 19.18 9.72 14.79
C ASN A 207 18.15 10.13 15.84
N LYS A 208 16.90 10.40 15.47
CA LYS A 208 15.90 10.77 16.46
C LYS A 208 15.22 9.52 17.01
N THR A 209 15.06 9.44 18.35
CA THR A 209 14.52 8.20 18.92
C THR A 209 13.03 8.05 18.62
N ASP A 210 12.29 9.15 18.56
CA ASP A 210 10.84 9.11 18.33
C ASP A 210 10.44 10.33 17.52
N PRO A 211 10.76 10.35 16.24
CA PRO A 211 10.40 11.50 15.40
C PRO A 211 8.91 11.85 15.38
N ALA A 212 8.64 13.13 15.61
CA ALA A 212 7.29 13.66 15.70
C ALA A 212 6.47 13.00 16.82
N ASN A 213 7.12 12.28 17.72
CA ASN A 213 6.43 11.59 18.82
C ASN A 213 5.39 10.59 18.35
N GLN A 214 5.59 10.04 17.17
CA GLN A 214 4.62 9.11 16.59
C GLN A 214 4.57 7.78 17.32
N PHE A 215 5.69 7.30 17.88
CA PHE A 215 5.62 6.03 18.59
C PHE A 215 4.82 6.19 19.87
N GLU A 216 5.10 7.23 20.66
CA GLU A 216 4.33 7.51 21.86
C GLU A 216 2.85 7.66 21.52
N TRP A 217 2.55 8.39 20.45
CA TRP A 217 1.18 8.59 20.02
C TRP A 217 0.53 7.27 19.59
N LEU A 218 1.27 6.44 18.87
CA LEU A 218 0.73 5.17 18.40
C LEU A 218 0.41 4.24 19.59
N GLU A 219 1.32 4.16 20.56
CA GLU A 219 1.08 3.37 21.76
C GLU A 219 -0.17 3.84 22.49
N ASN A 220 -0.30 5.16 22.64
CA ASN A 220 -1.46 5.71 23.34
CA ASN A 220 -1.45 5.70 23.35
C ASN A 220 -2.74 5.41 22.58
N THR A 221 -2.70 5.55 21.24
CA THR A 221 -3.87 5.28 20.41
C THR A 221 -4.31 3.83 20.51
N LEU A 222 -3.35 2.90 20.48
CA LEU A 222 -3.68 1.48 20.57
C LEU A 222 -4.22 1.13 21.94
N ASN A 223 -3.65 1.73 22.99
CA ASN A 223 -4.18 1.52 24.32
C ASN A 223 -5.64 1.97 24.41
N SER A 224 -5.97 3.15 23.87
CA SER A 224 -7.35 3.63 23.92
C SER A 224 -8.28 2.73 23.10
N SER A 225 -7.82 2.26 21.94
CA SER A 225 -8.63 1.32 21.14
C SER A 225 -8.90 0.02 21.90
N LEU A 226 -7.89 -0.51 22.59
CA LEU A 226 -8.11 -1.67 23.45
C LEU A 226 -9.24 -1.40 24.44
N TRP A 227 -9.13 -0.32 25.20
CA TRP A 227 -10.12 -0.09 26.25
C TRP A 227 -11.47 0.31 25.69
N ASN A 228 -11.52 0.88 24.48
CA ASN A 228 -12.78 1.20 23.83
C ASN A 228 -13.32 0.06 23.00
N LYS A 229 -12.72 -1.12 23.08
CA LYS A 229 -13.17 -2.30 22.36
C LYS A 229 -13.23 -2.08 20.85
N GLU A 230 -12.28 -1.31 20.33
CA GLU A 230 -12.18 -1.09 18.89
C GLU A 230 -11.21 -2.08 18.27
N LYS A 231 -11.42 -2.38 16.98
CA LYS A 231 -10.41 -3.01 16.16
C LYS A 231 -9.75 -1.94 15.29
N VAL A 232 -8.49 -2.18 14.93
CA VAL A 232 -7.67 -1.22 14.21
C VAL A 232 -7.15 -1.81 12.89
N TYR A 233 -7.24 -1.04 11.81
CA TYR A 233 -6.45 -1.29 10.61
C TYR A 233 -5.35 -0.23 10.55
N ILE A 234 -4.10 -0.67 10.44
CA ILE A 234 -2.94 0.20 10.25
C ILE A 234 -2.73 0.41 8.74
N ILE A 235 -2.58 1.66 8.32
CA ILE A 235 -2.21 1.99 6.94
C ILE A 235 -1.00 2.90 7.00
N ALA A 236 -0.14 2.77 5.98
CA ALA A 236 1.01 3.64 5.82
C ALA A 236 1.54 3.45 4.41
N HIS A 237 2.45 4.33 4.02
CA HIS A 237 3.09 4.23 2.72
C HIS A 237 4.21 3.18 2.75
N VAL A 238 5.33 3.49 3.42
CA VAL A 238 6.45 2.57 3.44
C VAL A 238 6.15 1.45 4.44
N PRO A 239 6.35 0.19 4.07
CA PRO A 239 6.04 -0.91 4.99
C PRO A 239 7.14 -1.18 6.00
N VAL A 240 6.74 -1.94 7.02
CA VAL A 240 7.70 -2.63 7.88
C VAL A 240 8.33 -3.81 7.16
N GLY A 241 9.30 -4.42 7.80
CA GLY A 241 9.97 -5.61 7.28
C GLY A 241 11.02 -5.30 6.23
N TYR A 242 11.38 -6.37 5.50
CA TYR A 242 12.54 -6.40 4.61
C TYR A 242 12.07 -6.41 3.16
N LEU A 243 12.84 -5.71 2.31
CA LEU A 243 12.54 -5.68 0.87
C LEU A 243 12.83 -7.06 0.31
N PRO A 244 11.86 -7.70 -0.35
CA PRO A 244 11.97 -9.14 -0.64
C PRO A 244 12.88 -9.48 -1.80
N TYR A 245 13.29 -8.49 -2.58
CA TYR A 245 14.18 -8.68 -3.72
C TYR A 245 15.64 -8.41 -3.38
N ALA A 246 15.92 -7.96 -2.16
CA ALA A 246 17.25 -7.54 -1.75
C ALA A 246 17.68 -8.34 -0.52
N THR A 247 18.98 -8.31 -0.24
CA THR A 247 19.53 -8.96 0.94
C THR A 247 19.61 -7.96 2.09
N ASP A 248 18.92 -8.26 3.20
CA ASP A 248 19.14 -7.54 4.46
C ASP A 248 18.98 -6.03 4.28
N THR A 249 17.89 -5.63 3.65
CA THR A 249 17.61 -4.23 3.37
C THR A 249 16.20 -3.96 3.87
N PRO A 250 16.05 -3.45 5.09
CA PRO A 250 14.71 -3.13 5.59
C PRO A 250 14.14 -1.92 4.86
N ALA A 251 12.82 -1.92 4.73
CA ALA A 251 12.16 -0.86 3.98
C ALA A 251 12.31 0.49 4.67
N ILE A 252 12.20 0.51 5.99
CA ILE A 252 12.54 1.67 6.80
C ILE A 252 13.79 1.32 7.61
N ARG A 253 14.42 2.33 8.22
CA ARG A 253 15.65 2.09 8.97
C ARG A 253 15.44 1.04 10.05
N GLN A 254 16.45 0.18 10.22
CA GLN A 254 16.36 -0.92 11.18
C GLN A 254 15.88 -0.47 12.57
N TYR A 255 16.45 0.62 13.09
CA TYR A 255 16.08 1.03 14.44
C TYR A 255 14.58 1.25 14.55
N TYR A 256 14.01 1.88 13.54
CA TYR A 256 12.60 2.17 13.53
C TYR A 256 11.77 0.94 13.22
N ASN A 257 12.21 0.11 12.27
CA ASN A 257 11.50 -1.14 12.00
C ASN A 257 11.32 -1.96 13.28
N GLU A 258 12.40 -2.11 14.05
CA GLU A 258 12.33 -2.91 15.28
C GLU A 258 11.36 -2.30 16.28
N LYS A 259 11.40 -0.98 16.46
CA LYS A 259 10.52 -0.31 17.42
C LYS A 259 9.06 -0.43 17.02
N LEU A 260 8.77 -0.27 15.72
CA LEU A 260 7.40 -0.34 15.26
C LEU A 260 6.86 -1.77 15.37
N LEU A 261 7.67 -2.74 15.00
CA LEU A 261 7.23 -4.13 15.11
C LEU A 261 7.00 -4.51 16.57
N ASP A 262 7.80 -3.97 17.49
CA ASP A 262 7.58 -4.29 18.91
C ASP A 262 6.19 -3.82 19.35
N ILE A 263 5.77 -2.64 18.90
CA ILE A 263 4.44 -2.13 19.21
C ILE A 263 3.36 -3.01 18.56
N PHE A 264 3.54 -3.32 17.28
CA PHE A 264 2.57 -4.14 16.57
C PHE A 264 2.40 -5.53 17.20
N ARG A 265 3.50 -6.17 17.59
CA ARG A 265 3.36 -7.49 18.24
C ARG A 265 2.56 -7.39 19.53
N ARG A 266 2.89 -6.41 20.35
CA ARG A 266 2.22 -6.27 21.64
C ARG A 266 0.73 -6.03 21.44
N TYR A 267 0.37 -5.28 20.39
CA TYR A 267 -1.03 -4.94 20.16
C TYR A 267 -1.65 -5.78 19.07
N SER A 268 -1.10 -6.95 18.80
CA SER A 268 -1.55 -7.70 17.64
C SER A 268 -2.97 -8.24 17.80
N SER A 269 -3.50 -8.25 19.02
CA SER A 269 -4.88 -8.67 19.19
C SER A 269 -5.88 -7.56 18.92
N VAL A 270 -5.43 -6.31 18.90
CA VAL A 270 -6.30 -5.19 18.55
C VAL A 270 -6.18 -4.87 17.06
N ILE A 271 -5.04 -5.15 16.46
CA ILE A 271 -4.80 -4.81 15.06
C ILE A 271 -5.27 -5.96 14.20
N ALA A 272 -6.27 -5.67 13.37
CA ALA A 272 -6.90 -6.67 12.50
C ALA A 272 -6.36 -6.63 11.07
N GLY A 273 -5.51 -5.67 10.76
CA GLY A 273 -4.92 -5.64 9.45
C GLY A 273 -3.87 -4.57 9.35
N GLN A 274 -2.88 -4.79 8.49
CA GLN A 274 -1.87 -3.79 8.15
C GLN A 274 -1.75 -3.71 6.63
N PHE A 275 -1.76 -2.50 6.09
CA PHE A 275 -1.88 -2.27 4.64
C PHE A 275 -0.87 -1.20 4.22
N TYR A 276 -0.01 -1.51 3.26
CA TYR A 276 1.07 -0.60 2.87
C TYR A 276 1.16 -0.52 1.36
N GLY A 277 1.96 0.45 0.91
CA GLY A 277 2.29 0.62 -0.51
C GLY A 277 3.80 0.70 -0.70
N HIS A 278 4.23 1.70 -1.49
CA HIS A 278 5.63 2.08 -1.71
C HIS A 278 6.45 1.14 -2.59
N THR A 279 6.32 -0.18 -2.41
CA THR A 279 7.17 -1.10 -3.17
C THR A 279 6.71 -1.28 -4.60
N HIS A 280 5.46 -0.90 -4.91
CA HIS A 280 4.86 -1.07 -6.22
C HIS A 280 4.71 -2.54 -6.62
N ARG A 281 4.67 -3.43 -5.64
CA ARG A 281 4.59 -4.86 -5.84
C ARG A 281 3.50 -5.44 -4.94
N ASP A 282 3.00 -6.63 -5.30
CA ASP A 282 2.01 -7.37 -4.52
C ASP A 282 2.75 -8.35 -3.62
N SER A 283 2.86 -8.02 -2.34
CA SER A 283 3.58 -8.84 -1.38
C SER A 283 2.75 -9.09 -0.13
N LEU A 284 2.98 -10.25 0.45
CA LEU A 284 2.49 -10.62 1.77
C LEU A 284 3.62 -10.64 2.79
N MET A 285 3.25 -10.38 4.04
CA MET A 285 4.12 -10.62 5.17
C MET A 285 3.28 -11.16 6.31
N VAL A 286 3.89 -11.98 7.16
CA VAL A 286 3.23 -12.48 8.36
C VAL A 286 4.11 -12.10 9.53
N LEU A 287 3.64 -11.19 10.38
CA LEU A 287 4.37 -10.80 11.56
C LEU A 287 4.19 -11.88 12.60
N SER A 288 5.29 -12.47 13.04
CA SER A 288 5.28 -13.46 14.10
C SER A 288 6.16 -13.02 15.26
N ASP A 289 6.00 -13.73 16.38
CA ASP A 289 6.83 -13.49 17.55
C ASP A 289 8.15 -14.24 17.36
N LYS A 290 9.06 -14.13 18.32
CA LYS A 290 10.38 -14.71 18.20
C LYS A 290 10.35 -16.23 18.11
N ASN A 291 9.31 -16.87 18.62
CA ASN A 291 9.18 -18.32 18.57
C ASN A 291 8.30 -18.80 17.43
N GLY A 292 7.98 -17.92 16.48
CA GLY A 292 7.25 -18.29 15.29
C GLY A 292 5.78 -18.54 15.48
N ASN A 293 5.17 -17.88 16.44
CA ASN A 293 3.72 -17.88 16.55
C ASN A 293 3.18 -16.72 15.71
N PRO A 294 2.35 -16.97 14.70
CA PRO A 294 1.90 -15.89 13.82
C PRO A 294 0.89 -15.00 14.53
N LEU A 295 1.09 -13.69 14.38
CA LEU A 295 0.36 -12.68 15.13
C LEU A 295 -0.42 -11.72 14.25
N ASN A 296 0.03 -11.41 13.04
CA ASN A 296 -0.57 -10.30 12.31
C ASN A 296 -0.26 -10.44 10.82
N SER A 297 -1.28 -10.33 10.00
CA SER A 297 -1.14 -10.36 8.55
C SER A 297 -0.92 -8.97 7.97
N VAL A 298 -0.03 -8.90 6.96
CA VAL A 298 0.43 -7.64 6.38
C VAL A 298 0.29 -7.74 4.87
N PHE A 299 -0.31 -6.73 4.27
CA PHE A 299 -0.63 -6.70 2.85
C PHE A 299 -0.02 -5.47 2.18
N VAL A 300 0.96 -5.69 1.31
CA VAL A 300 1.56 -4.65 0.51
C VAL A 300 0.91 -4.68 -0.87
N ALA A 301 0.33 -3.58 -1.28
CA ALA A 301 -0.39 -3.49 -2.53
C ALA A 301 0.43 -2.88 -3.66
N PRO A 302 0.25 -3.37 -4.88
CA PRO A 302 0.97 -2.83 -6.02
C PRO A 302 0.38 -1.51 -6.50
N ALA A 303 1.21 -0.80 -7.25
CA ALA A 303 0.92 0.55 -7.67
C ALA A 303 -0.03 0.61 -8.87
N VAL A 304 -0.64 1.78 -9.04
CA VAL A 304 -1.28 2.11 -10.31
C VAL A 304 -0.25 2.43 -11.38
N THR A 305 0.78 3.20 -11.05
CA THR A 305 1.82 3.47 -12.03
C THR A 305 2.57 2.20 -12.39
N PRO A 306 2.95 2.06 -13.67
CA PRO A 306 3.80 0.94 -14.12
C PRO A 306 5.29 1.30 -14.20
N VAL A 307 5.67 2.48 -13.72
CA VAL A 307 7.00 3.03 -14.02
C VAL A 307 8.13 2.10 -13.58
N LYS A 308 9.19 2.07 -14.38
CA LYS A 308 10.44 1.42 -14.01
C LYS A 308 11.61 2.23 -14.58
N GLY A 309 12.80 1.99 -14.03
CA GLY A 309 14.01 2.56 -14.60
C GLY A 309 14.43 1.87 -15.88
N VAL A 310 15.34 2.53 -16.61
CA VAL A 310 15.78 2.05 -17.92
C VAL A 310 16.40 0.65 -17.82
N LEU A 311 17.22 0.40 -16.80
CA LEU A 311 17.90 -0.88 -16.64
C LEU A 311 17.02 -1.98 -16.07
N GLN A 312 15.97 -1.64 -15.33
CA GLN A 312 15.20 -2.65 -14.62
C GLN A 312 14.57 -3.64 -15.60
N LYS A 313 14.62 -4.92 -15.25
CA LYS A 313 14.14 -5.94 -16.18
C LYS A 313 12.64 -6.15 -16.13
N GLU A 314 12.02 -6.03 -14.96
CA GLU A 314 10.59 -6.23 -14.82
C GLU A 314 9.97 -4.99 -14.18
N THR A 315 8.64 -4.93 -14.26
CA THR A 315 7.85 -3.91 -13.57
C THR A 315 6.48 -4.51 -13.29
N ASN A 316 5.58 -3.72 -12.72
CA ASN A 316 4.23 -4.17 -12.43
C ASN A 316 3.27 -3.66 -13.49
N ASN A 317 2.21 -4.44 -13.75
CA ASN A 317 1.02 -3.87 -14.32
C ASN A 317 0.33 -3.00 -13.27
N PRO A 318 -0.44 -2.02 -13.71
CA PRO A 318 -1.29 -1.26 -12.78
C PRO A 318 -2.25 -2.17 -12.03
N GLY A 319 -2.44 -1.86 -10.74
CA GLY A 319 -3.31 -2.63 -9.86
C GLY A 319 -4.14 -1.76 -8.93
N VAL A 320 -5.32 -2.28 -8.57
CA VAL A 320 -6.12 -1.85 -7.42
C VAL A 320 -6.70 -3.08 -6.77
N ARG A 321 -7.01 -2.99 -5.48
CA ARG A 321 -7.49 -4.16 -4.75
C ARG A 321 -8.61 -3.85 -3.77
N LEU A 322 -9.33 -4.92 -3.42
CA LEU A 322 -10.51 -4.88 -2.57
CA LEU A 322 -10.51 -4.88 -2.57
C LEU A 322 -10.35 -5.93 -1.49
N PHE A 323 -10.64 -5.55 -0.24
CA PHE A 323 -10.65 -6.49 0.87
C PHE A 323 -12.07 -6.78 1.33
N GLN A 324 -12.28 -8.01 1.76
CA GLN A 324 -13.52 -8.42 2.39
C GLN A 324 -13.27 -8.72 3.86
N TYR A 325 -14.21 -8.31 4.72
CA TYR A 325 -14.06 -8.51 6.16
C TYR A 325 -15.39 -8.82 6.81
N LYS A 326 -15.34 -9.38 8.02
CA LYS A 326 -16.53 -9.73 8.78
C LYS A 326 -17.16 -8.47 9.36
N PRO A 327 -18.41 -8.16 9.04
CA PRO A 327 -19.02 -6.94 9.59
C PRO A 327 -19.01 -6.96 11.10
N GLY A 328 -18.77 -5.80 11.70
CA GLY A 328 -18.79 -5.66 13.13
C GLY A 328 -17.72 -6.42 13.88
N ASP A 329 -16.89 -7.17 13.20
CA ASP A 329 -15.79 -7.91 13.83
C ASP A 329 -14.44 -7.58 13.18
N TYR A 330 -14.42 -7.35 11.87
CA TYR A 330 -13.30 -6.76 11.13
C TYR A 330 -12.19 -7.75 10.83
N THR A 331 -12.34 -9.03 11.17
CA THR A 331 -11.44 -10.07 10.68
C THR A 331 -11.45 -10.10 9.16
N LEU A 332 -10.26 -10.16 8.55
CA LEU A 332 -10.14 -10.19 7.10
C LEU A 332 -10.47 -11.56 6.51
N LEU A 333 -11.40 -11.56 5.56
CA LEU A 333 -11.86 -12.79 4.95
C LEU A 333 -11.24 -13.06 3.58
N ASP A 334 -10.93 -12.03 2.80
CA ASP A 334 -10.41 -12.25 1.48
C ASP A 334 -9.85 -10.95 0.93
N MET A 335 -9.17 -11.09 -0.21
CA MET A 335 -8.64 -9.96 -0.96
CA MET A 335 -8.66 -9.97 -0.96
C MET A 335 -8.81 -10.29 -2.44
N VAL A 336 -9.30 -9.32 -3.20
CA VAL A 336 -9.46 -9.47 -4.64
C VAL A 336 -8.54 -8.44 -5.27
N GLN A 337 -7.63 -8.91 -6.10
CA GLN A 337 -6.66 -8.03 -6.74
C GLN A 337 -7.11 -7.85 -8.17
N TYR A 338 -7.31 -6.59 -8.57
CA TYR A 338 -7.63 -6.26 -9.95
C TYR A 338 -6.41 -5.67 -10.63
N TYR A 339 -6.39 -5.71 -11.96
CA TYR A 339 -5.27 -5.14 -12.68
C TYR A 339 -5.67 -4.71 -14.08
N LEU A 340 -4.80 -3.92 -14.69
CA LEU A 340 -4.92 -3.54 -16.08
C LEU A 340 -3.76 -4.17 -16.84
N ASN A 341 -4.07 -4.94 -17.89
CA ASN A 341 -3.05 -5.39 -18.80
C ASN A 341 -2.67 -4.18 -19.67
N LEU A 342 -1.58 -3.52 -19.31
CA LEU A 342 -1.23 -2.25 -19.95
C LEU A 342 -0.96 -2.41 -21.44
N THR A 343 -0.25 -3.46 -21.84
CA THR A 343 0.00 -3.64 -23.27
CA THR A 343 0.00 -3.67 -23.26
C THR A 343 -1.32 -3.84 -24.03
N GLU A 344 -2.24 -4.63 -23.48
CA GLU A 344 -3.51 -4.86 -24.14
C GLU A 344 -4.29 -3.56 -24.26
N ALA A 345 -4.32 -2.76 -23.20
CA ALA A 345 -5.10 -1.52 -23.21
C ALA A 345 -4.52 -0.53 -24.21
N ASN A 346 -3.20 -0.42 -24.25
CA ASN A 346 -2.56 0.55 -25.12
C ASN A 346 -2.73 0.21 -26.59
N LEU A 347 -2.76 -1.08 -26.92
CA LEU A 347 -2.89 -1.49 -28.32
C LEU A 347 -4.22 -1.06 -28.92
N LYS A 348 -5.33 -1.21 -28.17
CA LYS A 348 -6.64 -0.88 -28.69
C LYS A 348 -7.16 0.49 -28.25
N GLY A 349 -6.58 1.07 -27.19
CA GLY A 349 -7.00 2.38 -26.75
C GLY A 349 -8.15 2.41 -25.79
N GLU A 350 -8.48 1.28 -25.18
CA GLU A 350 -9.56 1.16 -24.20
C GLU A 350 -9.07 0.24 -23.11
N SER A 351 -9.51 0.53 -21.88
CA SER A 351 -9.07 -0.24 -20.73
C SER A 351 -10.01 -1.39 -20.47
N ASN A 352 -9.48 -2.44 -19.84
CA ASN A 352 -10.26 -3.56 -19.35
C ASN A 352 -9.68 -3.94 -17.99
N TRP A 353 -9.91 -3.08 -16.99
CA TRP A 353 -9.56 -3.45 -15.64
C TRP A 353 -10.29 -4.74 -15.31
N THR A 354 -9.59 -5.71 -14.75
CA THR A 354 -10.16 -7.04 -14.65
C THR A 354 -9.55 -7.78 -13.46
N LEU A 355 -10.24 -8.82 -13.03
CA LEU A 355 -9.78 -9.60 -11.90
C LEU A 355 -8.47 -10.29 -12.24
N GLU A 356 -7.48 -10.10 -11.37
CA GLU A 356 -6.27 -10.91 -11.41
C GLU A 356 -6.43 -12.20 -10.61
N TYR A 357 -6.84 -12.07 -9.34
CA TYR A 357 -7.07 -13.24 -8.51
C TYR A 357 -7.86 -12.87 -7.27
N VAL A 358 -8.48 -13.87 -6.70
CA VAL A 358 -9.07 -13.85 -5.36
C VAL A 358 -8.15 -14.68 -4.47
N LEU A 359 -7.66 -14.08 -3.37
CA LEU A 359 -6.58 -14.72 -2.61
C LEU A 359 -6.97 -16.11 -2.11
N THR A 360 -8.17 -16.26 -1.55
CA THR A 360 -8.56 -17.58 -1.04
C THR A 360 -8.58 -18.63 -2.14
N GLN A 361 -9.06 -18.26 -3.34
CA GLN A 361 -9.13 -19.22 -4.43
CA GLN A 361 -9.13 -19.23 -4.44
C GLN A 361 -7.75 -19.50 -5.00
N ALA A 362 -6.92 -18.47 -5.16
CA ALA A 362 -5.62 -18.64 -5.77
C ALA A 362 -4.75 -19.59 -4.97
N TYR A 363 -4.85 -19.51 -3.64
CA TYR A 363 -3.94 -20.22 -2.76
C TYR A 363 -4.62 -21.30 -1.94
N SER A 364 -5.93 -21.48 -2.09
CA SER A 364 -6.68 -22.51 -1.38
C SER A 364 -6.54 -22.35 0.14
N VAL A 365 -6.80 -21.13 0.62
CA VAL A 365 -6.78 -20.84 2.03
C VAL A 365 -8.18 -20.40 2.47
N ALA A 366 -8.43 -20.52 3.78
CA ALA A 366 -9.77 -20.29 4.29
C ALA A 366 -10.10 -18.81 4.44
N ASP A 367 -9.11 -17.99 4.76
CA ASP A 367 -9.31 -16.59 5.09
C ASP A 367 -7.93 -15.95 5.17
N LEU A 368 -7.86 -14.69 5.63
CA LEU A 368 -6.62 -13.94 5.70
C LEU A 368 -6.07 -13.86 7.12
N GLN A 369 -6.53 -14.73 8.03
CA GLN A 369 -6.00 -14.71 9.38
C GLN A 369 -4.52 -15.13 9.38
N PRO A 370 -3.74 -14.65 10.33
CA PRO A 370 -2.32 -15.01 10.35
C PRO A 370 -2.04 -16.50 10.23
N LYS A 371 -2.80 -17.36 10.93
CA LYS A 371 -2.62 -18.79 10.85
C LYS A 371 -2.74 -19.27 9.40
N SER A 372 -3.77 -18.77 8.71
CA SER A 372 -4.02 -19.29 7.37
C SER A 372 -2.88 -18.91 6.44
N LEU A 373 -2.37 -17.69 6.57
CA LEU A 373 -1.27 -17.29 5.70
C LEU A 373 0.06 -17.92 6.13
N TYR A 374 0.26 -18.06 7.43
CA TYR A 374 1.46 -18.72 7.92
C TYR A 374 1.58 -20.12 7.35
N ALA A 375 0.49 -20.88 7.33
CA ALA A 375 0.54 -22.23 6.78
C ALA A 375 0.78 -22.19 5.27
N LEU A 376 0.19 -21.22 4.57
CA LEU A 376 0.44 -21.10 3.15
C LEU A 376 1.92 -20.87 2.87
N VAL A 377 2.58 -20.04 3.68
CA VAL A 377 3.95 -19.72 3.33
C VAL A 377 4.89 -20.88 3.62
N GLN A 378 4.54 -21.74 4.58
CA GLN A 378 5.24 -23.01 4.72
C GLN A 378 5.23 -23.75 3.38
N GLN A 379 4.07 -23.76 2.71
CA GLN A 379 3.96 -24.41 1.41
C GLN A 379 4.90 -23.74 0.40
N PHE A 380 4.88 -22.39 0.35
CA PHE A 380 5.76 -21.67 -0.56
C PHE A 380 7.17 -22.21 -0.49
N ALA A 381 7.62 -22.55 0.71
CA ALA A 381 9.03 -22.83 0.92
C ALA A 381 9.43 -24.19 0.37
N THR A 382 8.47 -25.05 0.09
CA THR A 382 8.79 -26.38 -0.42
C THR A 382 9.28 -26.29 -1.85
N LYS A 383 10.18 -27.20 -2.19
CA LYS A 383 10.87 -27.15 -3.48
C LYS A 383 9.89 -27.24 -4.63
N ASP A 384 10.05 -26.34 -5.60
CA ASP A 384 9.21 -26.23 -6.79
C ASP A 384 7.75 -26.01 -6.46
N SER A 385 7.48 -25.36 -5.32
CA SER A 385 6.11 -25.09 -4.93
C SER A 385 5.39 -24.35 -6.05
N LYS A 386 4.26 -24.91 -6.47
CA LYS A 386 3.41 -24.22 -7.43
C LYS A 386 2.76 -22.99 -6.80
N GLN A 387 2.60 -23.01 -5.48
CA GLN A 387 2.01 -21.88 -4.79
C GLN A 387 2.93 -20.67 -4.87
N PHE A 388 4.24 -20.90 -4.65
CA PHE A 388 5.19 -19.80 -4.74
C PHE A 388 5.33 -19.31 -6.17
N LEU A 389 5.35 -20.23 -7.13
CA LEU A 389 5.44 -19.83 -8.52
C LEU A 389 4.31 -18.87 -8.88
N LYS A 390 3.10 -19.16 -8.43
CA LYS A 390 1.97 -18.25 -8.64
C LYS A 390 2.18 -16.92 -7.94
N TYR A 391 2.61 -16.97 -6.68
CA TYR A 391 2.90 -15.75 -5.93
C TYR A 391 3.92 -14.88 -6.66
N TYR A 392 4.97 -15.49 -7.20
CA TYR A 392 5.98 -14.70 -7.90
C TYR A 392 5.42 -14.08 -9.18
N HIS A 393 4.50 -14.76 -9.86
CA HIS A 393 3.82 -14.20 -11.02
C HIS A 393 2.97 -13.01 -10.60
N TYR A 394 2.27 -13.14 -9.48
CA TYR A 394 1.43 -12.06 -8.98
C TYR A 394 2.25 -10.93 -8.38
N TYR A 395 3.49 -11.18 -7.98
CA TYR A 395 4.31 -10.14 -7.37
C TYR A 395 4.47 -8.94 -8.29
N PHE A 396 4.64 -9.19 -9.60
CA PHE A 396 4.67 -8.17 -10.65
C PHE A 396 3.30 -7.89 -11.27
N VAL A 397 2.22 -8.33 -10.63
CA VAL A 397 0.87 -8.13 -11.15
C VAL A 397 0.78 -8.69 -12.57
N SER A 398 1.31 -9.90 -12.75
CA SER A 398 1.17 -10.66 -13.99
C SER A 398 1.84 -9.96 -15.18
N TYR A 399 2.84 -9.12 -14.92
CA TYR A 399 3.52 -8.41 -16.00
C TYR A 399 4.25 -9.36 -16.93
N ASP A 400 4.79 -10.46 -16.40
CA ASP A 400 5.66 -11.30 -17.21
C ASP A 400 5.65 -12.73 -16.67
N SER A 401 4.88 -13.59 -17.33
CA SER A 401 4.81 -14.99 -16.91
C SER A 401 6.15 -15.73 -17.04
N SER A 402 7.06 -15.24 -17.87
CA SER A 402 8.35 -15.90 -18.04
C SER A 402 9.38 -15.43 -17.02
N ALA A 403 9.03 -14.52 -16.12
CA ALA A 403 9.97 -14.12 -15.09
C ALA A 403 10.21 -15.30 -14.14
N THR A 404 11.47 -15.50 -13.78
CA THR A 404 11.86 -16.61 -12.93
C THR A 404 12.52 -16.10 -11.67
N CYS A 405 12.48 -16.94 -10.63
CA CYS A 405 13.03 -16.61 -9.32
C CYS A 405 13.86 -17.83 -8.93
N ASP A 406 15.17 -17.73 -9.05
CA ASP A 406 16.06 -18.86 -8.79
C ASP A 406 16.16 -19.10 -7.28
N GLN A 407 17.02 -20.03 -6.87
CA GLN A 407 17.03 -20.47 -5.48
C GLN A 407 17.36 -19.34 -4.52
N HIS A 408 18.37 -18.54 -4.87
CA HIS A 408 18.72 -17.38 -4.07
C HIS A 408 17.56 -16.37 -4.01
N CYS A 409 16.96 -16.09 -5.16
CA CYS A 409 15.82 -15.16 -5.22
C CYS A 409 14.68 -15.65 -4.34
N LYS A 410 14.39 -16.95 -4.40
CA LYS A 410 13.26 -17.47 -3.63
C LYS A 410 13.54 -17.38 -2.13
N THR A 411 14.76 -17.72 -1.72
CA THR A 411 15.10 -17.64 -0.30
C THR A 411 14.93 -16.22 0.23
N LEU A 412 15.38 -15.22 -0.54
CA LEU A 412 15.18 -13.84 -0.12
C LEU A 412 13.72 -13.49 0.00
N GLN A 413 12.90 -13.95 -0.97
CA GLN A 413 11.46 -13.70 -0.89
C GLN A 413 10.84 -14.35 0.34
N VAL A 414 11.03 -15.65 0.52
CA VAL A 414 10.34 -16.36 1.58
C VAL A 414 10.80 -15.86 2.93
N CYS A 415 12.10 -15.61 3.08
CA CYS A 415 12.61 -15.06 4.32
CA CYS A 415 12.63 -15.06 4.32
C CYS A 415 11.98 -13.72 4.64
N ALA A 416 11.76 -12.89 3.61
CA ALA A 416 11.18 -11.58 3.89
C ALA A 416 9.70 -11.68 4.20
N ILE A 417 9.01 -12.63 3.57
CA ILE A 417 7.59 -12.83 3.87
C ILE A 417 7.40 -13.16 5.34
N MET A 418 8.26 -14.04 5.90
CA MET A 418 8.01 -14.63 7.21
C MET A 418 8.72 -13.95 8.37
N ASN A 419 9.76 -13.17 8.12
CA ASN A 419 10.63 -12.69 9.19
C ASN A 419 10.83 -11.19 9.05
N LEU A 420 10.07 -10.44 9.85
CA LEU A 420 10.02 -8.99 9.67
C LEU A 420 11.06 -8.25 10.49
N ASP A 421 11.56 -8.84 11.58
CA ASP A 421 12.60 -8.29 12.42
C ASP A 421 13.96 -8.85 12.03
N SER A 422 14.99 -8.09 12.40
CA SER A 422 16.35 -8.36 11.98
C SER A 422 16.85 -9.71 12.48
N MET A 423 16.58 -10.05 13.73
CA MET A 423 17.09 -11.32 14.24
C MET A 423 16.50 -12.51 13.50
N SER A 424 15.17 -12.54 13.34
CA SER A 424 14.54 -13.65 12.64
C SER A 424 14.97 -13.71 11.19
N TYR A 425 15.06 -12.53 10.56
CA TYR A 425 15.43 -12.47 9.15
C TYR A 425 16.83 -13.02 8.95
N ASP A 426 17.78 -12.53 9.75
CA ASP A 426 19.15 -13.03 9.68
C ASP A 426 19.21 -14.53 9.93
N ASP A 427 18.49 -15.03 10.94
CA ASP A 427 18.47 -16.47 11.20
CA ASP A 427 18.47 -16.47 11.20
C ASP A 427 18.02 -17.22 9.96
N CYS A 428 16.94 -16.77 9.35
CA CYS A 428 16.41 -17.43 8.15
C CYS A 428 17.44 -17.47 7.02
N LEU A 429 18.14 -16.37 6.78
CA LEU A 429 19.14 -16.36 5.72
C LEU A 429 20.32 -17.27 6.06
N LYS A 430 20.77 -17.24 7.32
CA LYS A 430 21.89 -18.10 7.70
C LYS A 430 21.53 -19.56 7.46
N GLN A 431 20.29 -19.94 7.74
CA GLN A 431 19.90 -21.33 7.60
C GLN A 431 19.69 -21.75 6.16
N HIS A 432 19.27 -20.84 5.27
CA HIS A 432 18.77 -21.24 3.96
C HIS A 432 19.54 -20.69 2.77
N LEU A 433 20.51 -19.81 2.98
CA LEU A 433 21.13 -19.10 1.86
C LEU A 433 22.53 -19.60 1.55
C1 NAG B . -6.50 16.83 -12.89
C2 NAG B . -7.77 17.68 -13.12
C3 NAG B . -8.38 17.35 -14.48
C4 NAG B . -7.36 17.53 -15.59
C5 NAG B . -6.10 16.70 -15.31
C6 NAG B . -5.04 16.97 -16.36
C7 NAG B . -8.89 18.31 -11.05
C8 NAG B . -9.96 17.97 -10.06
N2 NAG B . -8.75 17.48 -12.07
O3 NAG B . -9.50 18.21 -14.69
O4 NAG B . -7.90 17.04 -16.80
O5 NAG B . -5.55 17.02 -14.01
O6 NAG B . -3.70 17.07 -15.89
O7 NAG B . -8.20 19.31 -10.93
H1 NAG B . -6.75 15.88 -12.83
H2 NAG B . -7.51 18.62 -13.14
H3 NAG B . -8.69 16.42 -14.48
H4 NAG B . -7.12 18.47 -15.67
H5 NAG B . -6.33 15.76 -15.33
H61 NAG B . -5.26 17.80 -16.82
H62 NAG B . -5.08 16.25 -17.01
H81 NAG B . -9.77 17.09 -9.67
H82 NAG B . -10.83 17.94 -10.51
H83 NAG B . -9.98 18.64 -9.35
HN2 NAG B . -9.29 16.74 -12.12
HO3 NAG B . -9.25 18.92 -15.16
HO6 NAG B . -3.25 16.33 -16.10
C1 NAG B . -7.95 17.93 -17.95
C2 NAG B . -6.84 17.61 -18.96
C3 NAG B . -7.16 16.32 -19.71
C4 NAG B . -8.25 15.55 -18.99
C5 NAG B . -9.53 16.41 -18.89
C6 NAG B . -10.47 15.95 -17.79
C7 NAG B . -5.48 18.92 -20.51
C8 NAG B . -5.44 20.10 -21.44
N2 NAG B . -6.65 18.71 -19.89
O3 NAG B . -5.98 15.51 -19.77
O4 NAG B . -8.51 14.31 -19.62
O5 NAG B . -9.20 17.76 -18.56
O6 NAG B . -10.85 17.05 -16.98
O7 NAG B . -4.52 18.18 -20.34
H1 NAG B . -7.85 18.86 -17.65
H2 NAG B . -6.01 17.47 -18.47
H3 NAG B . -7.46 16.54 -20.61
H4 NAG B . -7.95 15.37 -18.08
H5 NAG B . -9.99 16.38 -19.74
H61 NAG B . -10.02 15.28 -17.24
H62 NAG B . -11.26 15.56 -18.20
H81 NAG B . -5.62 20.92 -20.92
H82 NAG B . -6.10 20.00 -22.13
H83 NAG B . -4.55 20.16 -21.84
HN2 NAG B . -7.33 19.29 -20.03
HO3 NAG B . -5.29 16.02 -20.00
HO4 NAG B . -9.06 13.82 -19.11
HO6 NAG B . -10.50 17.80 -17.30
C1 NAG C . -4.85 3.12 28.69
C2 NAG C . -3.94 3.99 29.57
C3 NAG C . -4.55 4.18 30.96
C4 NAG C . -6.02 4.57 30.90
C5 NAG C . -6.75 3.59 29.98
C6 NAG C . -8.19 3.95 29.80
C7 NAG C . -1.55 3.88 29.07
C8 NAG C . -0.28 3.13 29.32
N2 NAG C . -2.63 3.41 29.69
O3 NAG C . -3.81 5.20 31.62
O4 NAG C . -6.57 4.52 32.21
O5 NAG C . -6.14 3.61 28.68
O6 NAG C . -8.32 5.36 29.78
O7 NAG C . -1.60 4.87 28.32
H1 NAG C . -4.85 2.20 29.05
H2 NAG C . -3.86 4.87 29.15
H3 NAG C . -4.46 3.35 31.46
H4 NAG C . -6.09 5.47 30.53
H5 NAG C . -6.69 2.69 30.36
H61 NAG C . -8.72 3.59 30.54
H62 NAG C . -8.52 3.58 28.96
H81 NAG C . -0.39 2.20 29.01
H82 NAG C . -0.08 3.14 30.27
H83 NAG C . 0.45 3.55 28.83
HN2 NAG C . -2.53 2.68 30.22
HO3 NAG C . -2.95 4.97 31.64
C1 NAG C . -7.04 5.81 32.72
C2 NAG C . -7.76 5.49 34.04
C3 NAG C . -8.30 6.77 34.68
C4 NAG C . -7.18 7.79 34.84
C5 NAG C . -6.50 8.03 33.49
C6 NAG C . -5.31 8.96 33.58
C7 NAG C . -8.66 3.22 34.04
C8 NAG C . -9.82 2.35 33.70
N2 NAG C . -8.81 4.53 33.81
O3 NAG C . -8.88 6.47 35.94
O4 NAG C . -7.70 9.01 35.36
O5 NAG C . -6.01 6.79 32.95
O6 NAG C . -4.83 9.29 32.28
O7 NAG C . -7.62 2.76 34.52
H1 NAG C . -7.69 6.19 32.10
H2 NAG C . -7.11 5.10 34.66
H3 NAG C . -8.99 7.14 34.09
H4 NAG C . -6.52 7.44 35.46
H5 NAG C . -7.15 8.41 32.87
H61 NAG C . -4.61 8.53 34.09
H62 NAG C . -5.58 9.77 34.03
H81 NAG C . -10.02 2.43 32.76
H82 NAG C . -10.60 2.63 34.22
H83 NAG C . -9.61 1.42 33.91
HN2 NAG C . -9.60 4.81 33.44
HO3 NAG C . -8.69 7.12 36.51
HO4 NAG C . -7.60 9.65 34.75
HO6 NAG C . -3.95 9.44 32.33
C1 FUC C . -9.63 5.83 29.39
C2 FUC C . -9.47 7.38 29.03
C3 FUC C . -8.98 7.63 27.60
C4 FUC C . -9.83 6.81 26.59
C5 FUC C . -9.74 5.31 26.97
C6 FUC C . -10.64 4.41 26.14
O2 FUC C . -8.67 8.08 30.00
O3 FUC C . -9.13 9.02 27.30
O4 FUC C . -11.18 7.25 26.55
O5 FUC C . -10.15 5.05 28.33
H1 FUC C . -10.34 5.70 30.21
H2 FUC C . -10.47 7.83 29.11
H3 FUC C . -7.92 7.33 27.52
H4 FUC C . -9.37 6.92 25.59
H5 FUC C . -8.69 5.01 26.85
H61 FUC C . -10.53 3.37 26.47
H62 FUC C . -10.37 4.48 25.08
H63 FUC C . -11.68 4.70 26.25
HO2 FUC C . -7.76 8.03 29.67
HO3 FUC C . -10.00 9.11 26.88
HO4 FUC C . -11.48 7.24 27.47
C1 NAG D . -1.51 -9.00 -21.56
C2 NAG D . -1.36 -10.49 -21.27
C3 NAG D . -0.25 -11.07 -22.14
C4 NAG D . -0.51 -10.73 -23.60
C5 NAG D . -0.72 -9.22 -23.74
C6 NAG D . -1.07 -8.81 -25.15
C7 NAG D . -1.75 -11.63 -19.13
C8 NAG D . -1.36 -11.72 -17.67
N2 NAG D . -1.10 -10.73 -19.86
O3 NAG D . -0.16 -12.48 -21.94
O4 NAG D . 0.59 -11.07 -24.43
O5 NAG D . -1.81 -8.82 -22.92
O6 NAG D . -2.36 -9.33 -25.46
O7 NAG D . -2.62 -12.36 -19.61
H1 NAG D . -0.67 -8.55 -21.35
H2 NAG D . -2.19 -10.93 -21.51
H3 NAG D . 0.60 -10.66 -21.87
H4 NAG D . -1.30 -11.20 -23.91
H5 NAG D . 0.09 -8.76 -23.47
H61 NAG D . -0.42 -9.16 -25.77
H62 NAG D . -1.09 -7.83 -25.20
H81 NAG D . -1.52 -10.86 -17.24
H82 NAG D . -0.41 -11.94 -17.61
H83 NAG D . -1.90 -12.40 -17.23
HN2 NAG D . -0.47 -10.21 -19.45
HO3 NAG D . 0.65 -12.70 -21.66
HO6 NAG D . -2.86 -8.68 -25.83
C1 NAG D . 0.65 -12.48 -24.72
C2 NAG D . 0.58 -12.77 -26.25
C3 NAG D . 0.95 -14.24 -26.55
C4 NAG D . 2.26 -14.62 -25.87
C5 NAG D . 2.11 -14.36 -24.38
C6 NAG D . 3.35 -14.70 -23.58
C7 NAG D . -0.96 -11.55 -27.71
C8 NAG D . -2.39 -11.40 -28.16
N2 NAG D . -0.73 -12.48 -26.78
O3 NAG D . 1.05 -14.41 -27.95
O4 NAG D . 2.58 -15.98 -26.12
O5 NAG D . 1.88 -12.96 -24.18
O6 NAG D . 3.19 -14.41 -22.20
O7 NAG D . -0.06 -10.85 -28.18
H1 NAG D . -0.09 -12.94 -24.28
H2 NAG D . 1.24 -12.20 -26.70
H3 NAG D . 0.24 -14.81 -26.21
H4 NAG D . 2.98 -14.05 -26.22
H5 NAG D . 1.36 -14.87 -24.04
H61 NAG D . 4.11 -14.19 -23.94
H62 NAG D . 3.55 -15.66 -23.69
H81 NAG D . -2.95 -11.16 -27.40
H82 NAG D . -2.70 -12.24 -28.54
H83 NAG D . -2.45 -10.70 -28.84
HN2 NAG D . -1.44 -12.96 -26.48
HO3 NAG D . 0.64 -15.16 -28.19
HO4 NAG D . 3.44 -16.05 -26.33
HO6 NAG D . 2.48 -13.88 -22.10
ZN ZN E . 5.59 5.05 -5.23
ZN ZN F . 7.16 5.61 -2.02
C1 NAG G . 14.96 7.44 -29.53
C2 NAG G . 16.45 7.63 -29.60
C3 NAG G . 16.83 8.28 -30.92
C4 NAG G . 16.41 7.37 -32.06
C5 NAG G . 14.93 7.02 -32.00
C6 NAG G . 14.60 5.87 -32.91
C7 NAG G . 17.38 7.83 -27.34
C8 NAG G . 17.85 8.78 -26.27
N2 NAG G . 16.95 8.40 -28.47
O3 NAG G . 18.23 8.51 -30.96
O4 NAG G . 16.69 7.99 -33.32
O5 NAG G . 14.52 6.61 -30.66
O6 NAG G . 13.36 6.05 -33.59
O7 NAG G . 17.38 6.60 -27.19
H1 NAG G . 14.53 8.32 -29.58
H2 NAG G . 16.86 6.74 -29.57
H3 NAG G . 16.36 9.13 -30.99
H4 NAG G . 16.93 6.54 -32.01
H5 NAG G . 14.41 7.81 -32.27
H61 NAG G . 14.54 5.05 -32.39
H62 NAG G . 15.31 5.78 -33.58
H81 NAG G . 18.60 9.30 -26.62
H82 NAG G . 18.14 8.26 -25.49
H83 NAG G . 17.12 9.36 -26.02
HN2 NAG G . 16.97 9.30 -28.54
HO3 NAG G . 18.50 8.56 -31.80
HO4 NAG G . 17.12 7.42 -33.84
HO6 NAG G . 13.22 5.37 -34.15
C1 NAG H . 22.15 7.78 17.28
C2 NAG H . 21.47 6.43 17.44
C3 NAG H . 22.11 5.65 18.58
C4 NAG H . 23.60 5.50 18.33
C5 NAG H . 24.25 6.86 18.12
C6 NAG H . 25.72 6.78 17.74
C7 NAG H . 19.13 6.35 16.70
C8 NAG H . 17.70 6.57 17.09
N2 NAG H . 20.04 6.58 17.65
O3 NAG H . 21.49 4.38 18.73
O4 NAG H . 24.23 4.84 19.42
O5 NAG H . 23.58 7.58 17.07
O6 NAG H . 25.95 7.18 16.40
O7 NAG H . 19.45 5.95 15.57
H1 NAG H . 22.01 8.31 18.09
H2 NAG H . 21.61 5.92 16.62
H3 NAG H . 21.99 6.16 19.41
H4 NAG H . 23.73 4.96 17.52
H5 NAG H . 24.17 7.38 18.95
H61 NAG H . 26.01 5.85 17.85
H62 NAG H . 26.23 7.35 18.34
H81 NAG H . 17.58 7.50 17.35
H82 NAG H . 17.47 5.98 17.84
H83 NAG H . 17.13 6.37 16.33
HN2 NAG H . 19.74 6.87 18.46
HO3 NAG H . 21.80 3.97 19.45
HO4 NAG H . 24.84 4.25 19.11
HO6 NAG H . 25.18 7.43 16.03
S SO4 I . 8.93 5.30 -4.66
O1 SO4 I . 9.46 3.91 -4.65
O2 SO4 I . 10.06 6.10 -5.26
O3 SO4 I . 7.79 5.50 -5.59
O4 SO4 I . 8.70 5.90 -3.34
S SO4 J . 7.24 24.82 4.66
O1 SO4 J . 6.28 24.21 5.57
O2 SO4 J . 6.98 24.35 3.28
O3 SO4 J . 7.15 26.28 4.75
O4 SO4 J . 8.59 24.44 5.07
S SO4 K . -11.84 3.36 -21.39
O1 SO4 K . -11.34 2.33 -22.27
O2 SO4 K . -11.97 4.62 -22.12
O3 SO4 K . -13.15 2.95 -20.90
O4 SO4 K . -10.91 3.52 -20.25
S SO4 L . -11.59 10.10 18.35
O1 SO4 L . -12.52 9.03 18.69
O2 SO4 L . -11.13 9.92 16.97
O3 SO4 L . -12.28 11.38 18.47
O4 SO4 L . -10.43 10.06 19.24
S SO4 M . 15.84 12.47 20.34
O1 SO4 M . 16.76 11.43 19.94
O2 SO4 M . 16.54 13.76 20.31
O3 SO4 M . 14.72 12.51 19.40
O4 SO4 M . 15.38 12.17 21.69
S SO4 N . 5.89 27.31 -5.10
O1 SO4 N . 6.16 26.24 -4.15
O2 SO4 N . 5.46 26.77 -6.39
O3 SO4 N . 4.82 28.12 -4.54
O4 SO4 N . 7.09 28.11 -5.28
C1 GOL O . 19.67 -21.46 -9.09
O1 GOL O . 20.80 -21.98 -8.44
C2 GOL O . 18.76 -22.59 -9.49
O2 GOL O . 19.17 -23.74 -8.78
C3 GOL O . 17.29 -22.32 -9.17
O3 GOL O . 16.50 -22.63 -10.30
H11 GOL O . 19.15 -20.76 -8.42
H12 GOL O . 19.98 -20.89 -9.98
HO1 GOL O . 21.43 -21.26 -8.24
H2 GOL O . 18.87 -22.76 -10.56
HO2 GOL O . 19.05 -23.60 -7.82
H31 GOL O . 16.98 -22.93 -8.32
H32 GOL O . 17.16 -21.27 -8.91
HO3 GOL O . 15.55 -22.57 -10.06
C1 GOL P . 10.66 -18.74 8.06
O1 GOL P . 10.85 -18.86 6.66
C2 GOL P . 9.39 -19.47 8.49
O2 GOL P . 9.44 -20.83 8.13
C3 GOL P . 9.22 -19.37 10.00
O3 GOL P . 9.88 -18.24 10.52
H11 GOL P . 11.52 -19.16 8.58
H12 GOL P . 10.58 -17.68 8.33
HO1 GOL P . 11.63 -18.33 6.39
H2 GOL P . 8.54 -18.98 8.01
HO2 GOL P . 10.18 -21.27 8.60
H31 GOL P . 8.15 -19.29 10.23
H32 GOL P . 9.60 -20.26 10.47
HO3 GOL P . 10.35 -18.49 11.34
C1 GOL Q . 14.27 -23.11 -4.47
O1 GOL Q . 15.00 -23.21 -5.68
C2 GOL Q . 13.10 -24.06 -4.52
O2 GOL Q . 12.38 -24.07 -3.29
C3 GOL Q . 12.27 -23.55 -5.68
O3 GOL Q . 11.05 -24.21 -5.79
H11 GOL Q . 14.93 -23.36 -3.63
H12 GOL Q . 13.93 -22.09 -4.33
HO1 GOL Q . 15.72 -22.56 -5.68
H2 GOL Q . 13.47 -25.06 -4.75
HO2 GOL Q . 12.09 -23.15 -3.09
H31 GOL Q . 12.10 -22.49 -5.56
H32 GOL Q . 12.84 -23.69 -6.61
HO3 GOL Q . 10.88 -24.45 -6.72
#